data_4FOC
#
_entry.id   4FOC
#
_cell.length_a   51.686
_cell.length_b   57.505
_cell.length_c   105.432
_cell.angle_alpha   90.000
_cell.angle_beta   90.000
_cell.angle_gamma   90.000
#
_symmetry.space_group_name_H-M   'P 21 21 21'
#
loop_
_entity.id
_entity.type
_entity.pdbx_description
1 polymer 'ALK tyrosine kinase receptor'
2 non-polymer 'methyl cis-4-[2-(benzoylamino)-6-(piperidin-1-ylmethyl)-1H-benzimidazol-1-yl]cyclohexanecarboxylate'
3 water water
#
_entity_poly.entity_id   1
_entity_poly.type   'polypeptide(L)'
_entity_poly.pdbx_seq_one_letter_code
;VYRRKHQELQAMQMELQSPEYKLSKLRTSTIMTDYNPNYSFAGKTSSISDLKEVPRKNITLIRGLGHGAFGEVYEGQVSG
MPNDPSPLQVAVKTLPEVCSEQDELDFLMEALIISKFNHQNIVRCIGVSLQSLPRFILLELMAGGDLKSFLRETRPRPSQ
PSSLAMLDLLHVARDIACGCQYLEENHFIHRDIAARNCLLTCPGPGRVAKIGDFGMARDIYRASYYRKGGCAMLPVKWMP
PEAFMEGIFTSKTDTWSFGVLLWEIFSLGYMPYPSKSNQEVLEFVTSGGRMDPPKNCPGPVYRIMTQCWQHQPEDRPNFA
IILERIEYCTQDPDVINTALPIEYGPLVEEEEK
;
_entity_poly.pdbx_strand_id   A
#
# COMPACT_ATOMS: atom_id res chain seq x y z
N ASN A 36 -15.39 -0.28 -23.82
CA ASN A 36 -16.06 -1.25 -22.91
C ASN A 36 -15.09 -2.38 -22.55
N PRO A 37 -14.01 -2.05 -21.82
CA PRO A 37 -13.00 -3.07 -21.50
C PRO A 37 -13.48 -4.05 -20.43
N ASN A 38 -13.21 -5.33 -20.66
CA ASN A 38 -13.48 -6.34 -19.64
C ASN A 38 -12.30 -6.38 -18.67
N TYR A 39 -12.58 -6.75 -17.42
CA TYR A 39 -11.57 -6.99 -16.43
C TYR A 39 -11.77 -8.37 -15.82
N SER A 40 -10.71 -9.16 -15.68
CA SER A 40 -10.83 -10.49 -15.07
C SER A 40 -9.98 -10.63 -13.80
N PHE A 41 -10.54 -11.24 -12.76
CA PHE A 41 -9.88 -11.47 -11.47
C PHE A 41 -10.53 -12.70 -10.88
N ALA A 42 -9.71 -13.65 -10.40
CA ALA A 42 -10.23 -14.86 -9.79
C ALA A 42 -11.12 -15.62 -10.76
N GLY A 43 -10.72 -15.65 -12.03
CA GLY A 43 -11.48 -16.37 -13.07
C GLY A 43 -12.84 -15.81 -13.45
N LYS A 44 -13.14 -14.58 -13.03
CA LYS A 44 -14.44 -13.99 -13.25
C LYS A 44 -14.24 -12.69 -14.01
N THR A 45 -15.08 -12.46 -15.01
CA THR A 45 -14.95 -11.28 -15.88
C THR A 45 -16.05 -10.26 -15.58
N SER A 46 -15.66 -9.00 -15.41
CA SER A 46 -16.62 -7.94 -15.15
C SER A 46 -16.40 -6.76 -16.10
N SER A 47 -17.41 -5.91 -16.17
CA SER A 47 -17.34 -4.73 -17.01
C SER A 47 -18.00 -3.56 -16.28
N ILE A 48 -17.95 -2.40 -16.90
CA ILE A 48 -18.50 -1.18 -16.33
C ILE A 48 -19.94 -1.41 -15.82
N SER A 49 -20.75 -2.18 -16.55
CA SER A 49 -22.13 -2.44 -16.11
C SER A 49 -22.25 -3.17 -14.75
N ASP A 50 -21.18 -3.82 -14.30
CA ASP A 50 -21.20 -4.49 -12.99
C ASP A 50 -20.91 -3.55 -11.81
N LEU A 51 -20.35 -2.37 -12.06
CA LEU A 51 -20.05 -1.45 -10.98
C LEU A 51 -21.34 -0.90 -10.37
N LYS A 52 -21.32 -0.68 -9.07
CA LYS A 52 -22.50 -0.20 -8.35
C LYS A 52 -22.60 1.32 -8.50
N GLU A 53 -23.41 1.80 -9.44
CA GLU A 53 -23.64 3.24 -9.61
C GLU A 53 -24.51 3.83 -8.49
N VAL A 54 -23.96 4.81 -7.79
CA VAL A 54 -24.65 5.50 -6.72
C VAL A 54 -25.19 6.83 -7.24
N PRO A 55 -26.49 7.10 -7.03
CA PRO A 55 -27.00 8.36 -7.61
C PRO A 55 -26.25 9.60 -7.09
N ARG A 56 -25.93 10.53 -7.99
CA ARG A 56 -25.10 11.68 -7.64
C ARG A 56 -25.73 12.52 -6.54
N LYS A 57 -27.06 12.65 -6.57
CA LYS A 57 -27.79 13.38 -5.53
C LYS A 57 -27.59 12.81 -4.11
N ASN A 58 -27.22 11.53 -3.99
CA ASN A 58 -26.96 10.93 -2.69
C ASN A 58 -25.55 11.20 -2.13
N ILE A 59 -24.68 11.86 -2.90
CA ILE A 59 -23.27 12.04 -2.54
C ILE A 59 -23.00 13.51 -2.23
N THR A 60 -22.43 13.77 -1.05
CA THR A 60 -22.01 15.11 -0.64
C THR A 60 -20.54 15.10 -0.26
N LEU A 61 -19.76 16.01 -0.83
CA LEU A 61 -18.36 16.21 -0.44
C LEU A 61 -18.28 17.10 0.80
N ILE A 62 -17.39 16.76 1.72
CA ILE A 62 -17.24 17.49 3.00
C ILE A 62 -15.97 18.34 3.06
N ARG A 63 -14.85 17.77 2.64
CA ARG A 63 -13.55 18.42 2.66
C ARG A 63 -12.52 17.69 1.79
N GLY A 64 -11.49 18.43 1.36
CA GLY A 64 -10.36 17.84 0.68
C GLY A 64 -9.49 17.04 1.65
N LEU A 65 -8.99 15.91 1.20
CA LEU A 65 -8.07 15.08 1.99
C LEU A 65 -6.67 15.03 1.38
N GLY A 66 -6.48 15.72 0.26
CA GLY A 66 -5.21 15.72 -0.46
C GLY A 66 -5.40 15.07 -1.81
N HIS A 67 -4.29 14.80 -2.49
CA HIS A 67 -4.34 14.15 -3.80
C HIS A 67 -3.48 12.93 -3.86
N GLY A 68 -3.90 11.99 -4.71
CA GLY A 68 -3.18 10.75 -4.97
C GLY A 68 -2.72 10.70 -6.41
N ALA A 69 -2.97 9.58 -7.09
CA ALA A 69 -2.55 9.40 -8.48
C ALA A 69 -3.36 10.32 -9.39
N PHE A 70 -4.68 10.14 -9.39
CA PHE A 70 -5.58 11.02 -10.14
C PHE A 70 -5.69 12.36 -9.40
N GLY A 71 -6.78 13.10 -9.60
CA GLY A 71 -6.98 14.36 -8.90
C GLY A 71 -7.13 14.23 -7.40
N GLU A 72 -7.97 15.08 -6.83
CA GLU A 72 -8.13 15.19 -5.40
C GLU A 72 -8.93 14.00 -4.84
N VAL A 73 -8.65 13.65 -3.59
CA VAL A 73 -9.48 12.73 -2.84
C VAL A 73 -10.22 13.59 -1.84
N TYR A 74 -11.53 13.38 -1.72
CA TYR A 74 -12.36 14.13 -0.76
C TYR A 74 -12.98 13.22 0.27
N GLU A 75 -13.19 13.76 1.46
CA GLU A 75 -14.09 13.13 2.40
C GLU A 75 -15.52 13.39 1.92
N GLY A 76 -16.34 12.35 1.93
CA GLY A 76 -17.74 12.49 1.53
C GLY A 76 -18.70 11.66 2.35
N GLN A 77 -19.99 11.80 2.05
CA GLN A 77 -21.01 10.97 2.65
C GLN A 77 -22.06 10.57 1.62
N VAL A 78 -22.55 9.33 1.76
CA VAL A 78 -23.54 8.80 0.85
C VAL A 78 -24.84 8.56 1.63
N SER A 79 -25.95 9.02 1.07
CA SER A 79 -27.29 8.83 1.65
C SER A 79 -28.11 7.89 0.77
N SER A 86 -28.25 8.60 9.26
CA SER A 86 -26.97 7.87 9.35
C SER A 86 -26.33 7.69 7.98
N PRO A 87 -25.73 8.76 7.43
CA PRO A 87 -25.07 8.63 6.13
C PRO A 87 -23.83 7.74 6.22
N LEU A 88 -23.40 7.20 5.08
CA LEU A 88 -22.20 6.38 5.02
C LEU A 88 -21.01 7.32 4.73
N GLN A 89 -19.96 7.26 5.53
CA GLN A 89 -18.78 8.13 5.32
C GLN A 89 -17.83 7.46 4.36
N VAL A 90 -17.36 8.20 3.36
CA VAL A 90 -16.52 7.63 2.30
C VAL A 90 -15.35 8.55 1.92
N ALA A 91 -14.34 7.97 1.27
CA ALA A 91 -13.36 8.74 0.54
C ALA A 91 -13.82 8.74 -0.91
N VAL A 92 -13.72 9.89 -1.55
CA VAL A 92 -14.18 10.06 -2.93
C VAL A 92 -12.97 10.37 -3.80
N LYS A 93 -12.61 9.44 -4.66
CA LYS A 93 -11.56 9.67 -5.63
C LYS A 93 -12.21 10.30 -6.85
N THR A 94 -11.64 11.41 -7.35
CA THR A 94 -12.23 12.12 -8.47
C THR A 94 -11.36 12.06 -9.74
N LEU A 95 -12.04 12.10 -10.89
CA LEU A 95 -11.40 12.19 -12.20
C LEU A 95 -11.49 13.62 -12.71
N PRO A 96 -10.36 14.28 -13.00
CA PRO A 96 -10.47 15.63 -13.55
C PRO A 96 -11.30 15.67 -14.81
N GLU A 97 -12.15 16.68 -14.93
CA GLU A 97 -12.95 16.81 -16.13
C GLU A 97 -12.08 17.11 -17.34
N VAL A 98 -10.96 17.77 -17.10
CA VAL A 98 -9.95 18.02 -18.13
C VAL A 98 -8.95 16.86 -18.10
N CYS A 99 -9.17 15.89 -18.96
CA CYS A 99 -8.33 14.69 -18.99
C CYS A 99 -8.43 14.01 -20.34
N SER A 100 -7.53 13.06 -20.58
CA SER A 100 -7.48 12.34 -21.85
C SER A 100 -8.41 11.14 -21.85
N GLU A 101 -8.62 10.58 -23.04
CA GLU A 101 -9.35 9.32 -23.21
C GLU A 101 -8.70 8.23 -22.37
N GLN A 102 -7.36 8.23 -22.34
CA GLN A 102 -6.60 7.25 -21.61
C GLN A 102 -6.76 7.40 -20.10
N ASP A 103 -6.80 8.64 -19.62
CA ASP A 103 -7.08 8.92 -18.21
C ASP A 103 -8.43 8.33 -17.81
N GLU A 104 -9.43 8.52 -18.68
CA GLU A 104 -10.78 7.97 -18.46
C GLU A 104 -10.75 6.46 -18.34
N LEU A 105 -10.10 5.81 -19.30
CA LEU A 105 -10.02 4.35 -19.30
C LEU A 105 -9.24 3.86 -18.09
N ASP A 106 -8.17 4.57 -17.73
CA ASP A 106 -7.42 4.24 -16.50
C ASP A 106 -8.31 4.25 -15.25
N PHE A 107 -9.14 5.29 -15.15
CA PHE A 107 -10.04 5.50 -13.99
C PHE A 107 -11.08 4.38 -13.92
N LEU A 108 -11.64 4.03 -15.08
CA LEU A 108 -12.55 2.91 -15.18
C LEU A 108 -11.88 1.61 -14.73
N MET A 109 -10.68 1.33 -15.22
CA MET A 109 -9.96 0.11 -14.81
C MET A 109 -9.69 0.09 -13.31
N GLU A 110 -9.34 1.23 -12.73
CA GLU A 110 -9.14 1.31 -11.30
C GLU A 110 -10.41 0.93 -10.53
N ALA A 111 -11.55 1.41 -10.99
CA ALA A 111 -12.84 1.09 -10.40
C ALA A 111 -13.12 -0.41 -10.46
N LEU A 112 -12.89 -1.02 -11.62
CA LEU A 112 -13.12 -2.45 -11.78
C LEU A 112 -12.21 -3.27 -10.86
N ILE A 113 -10.92 -2.93 -10.82
CA ILE A 113 -9.96 -3.63 -9.97
C ILE A 113 -10.39 -3.63 -8.49
N ILE A 114 -10.62 -2.44 -7.93
CA ILE A 114 -10.95 -2.35 -6.50
C ILE A 114 -12.32 -2.97 -6.17
N SER A 115 -13.29 -2.84 -7.08
CA SER A 115 -14.61 -3.38 -6.82
C SER A 115 -14.64 -4.91 -6.70
N LYS A 116 -13.68 -5.60 -7.33
CA LYS A 116 -13.71 -7.06 -7.29
C LYS A 116 -12.91 -7.70 -6.17
N PHE A 117 -12.10 -6.93 -5.44
CA PHE A 117 -11.48 -7.47 -4.24
C PHE A 117 -12.46 -7.60 -3.10
N ASN A 118 -12.22 -8.61 -2.25
CA ASN A 118 -12.99 -8.85 -1.05
C ASN A 118 -12.09 -9.31 0.10
N HIS A 119 -11.51 -8.35 0.82
CA HIS A 119 -10.61 -8.65 1.92
C HIS A 119 -10.51 -7.50 2.90
N GLN A 120 -10.41 -7.83 4.18
CA GLN A 120 -10.41 -6.82 5.24
C GLN A 120 -9.17 -5.91 5.22
N ASN A 121 -8.07 -6.34 4.59
CA ASN A 121 -6.88 -5.47 4.46
C ASN A 121 -6.69 -4.84 3.06
N ILE A 122 -7.78 -4.77 2.31
CA ILE A 122 -7.85 -3.99 1.09
C ILE A 122 -9.05 -3.06 1.20
N VAL A 123 -8.84 -1.77 0.92
CA VAL A 123 -9.93 -0.79 1.08
C VAL A 123 -11.16 -1.22 0.28
N ARG A 124 -12.33 -1.11 0.90
CA ARG A 124 -13.60 -1.45 0.23
C ARG A 124 -13.99 -0.37 -0.78
N CYS A 125 -14.73 -0.79 -1.80
CA CYS A 125 -15.37 0.12 -2.74
C CYS A 125 -16.87 0.11 -2.49
N ILE A 126 -17.38 1.24 -2.03
CA ILE A 126 -18.83 1.42 -1.78
C ILE A 126 -19.59 1.43 -3.11
N GLY A 127 -18.98 2.04 -4.13
CA GLY A 127 -19.56 2.12 -5.45
C GLY A 127 -18.87 3.18 -6.29
N VAL A 128 -19.55 3.60 -7.35
CA VAL A 128 -19.06 4.63 -8.27
C VAL A 128 -20.16 5.61 -8.65
N SER A 129 -19.75 6.79 -9.13
CA SER A 129 -20.64 7.71 -9.81
C SER A 129 -19.96 8.15 -11.10
N LEU A 130 -20.19 7.37 -12.15
CA LEU A 130 -19.55 7.57 -13.43
C LEU A 130 -20.45 8.29 -14.44
N GLN A 131 -21.74 8.42 -14.12
CA GLN A 131 -22.72 9.02 -15.04
C GLN A 131 -22.97 10.51 -14.80
N SER A 132 -22.18 11.11 -13.92
CA SER A 132 -22.14 12.55 -13.75
C SER A 132 -20.67 12.97 -13.68
N LEU A 133 -20.42 14.25 -13.97
CA LEU A 133 -19.07 14.80 -14.01
C LEU A 133 -18.86 15.79 -12.87
N PRO A 134 -17.66 15.78 -12.25
CA PRO A 134 -16.56 14.84 -12.48
C PRO A 134 -16.91 13.45 -11.98
N ARG A 135 -16.30 12.44 -12.57
CA ARG A 135 -16.59 11.05 -12.17
C ARG A 135 -15.97 10.75 -10.83
N PHE A 136 -16.66 9.92 -10.05
CA PHE A 136 -16.25 9.54 -8.70
C PHE A 136 -16.08 8.03 -8.57
N ILE A 137 -15.10 7.62 -7.78
CA ILE A 137 -15.08 6.28 -7.17
C ILE A 137 -15.23 6.51 -5.66
N LEU A 138 -16.13 5.75 -5.05
CA LEU A 138 -16.45 5.85 -3.62
C LEU A 138 -15.81 4.72 -2.85
N LEU A 139 -14.92 5.06 -1.93
CA LEU A 139 -14.15 4.06 -1.19
C LEU A 139 -14.29 4.18 0.33
N GLU A 140 -13.94 3.11 1.03
CA GLU A 140 -13.86 3.10 2.47
C GLU A 140 -13.04 4.31 2.98
N LEU A 141 -13.63 5.15 3.81
CA LEU A 141 -12.88 6.28 4.40
C LEU A 141 -11.81 5.76 5.37
N MET A 142 -10.57 6.17 5.16
CA MET A 142 -9.45 5.75 6.00
C MET A 142 -8.96 6.97 6.78
N ALA A 143 -9.54 7.13 7.97
CA ALA A 143 -9.43 8.36 8.77
C ALA A 143 -8.01 8.60 9.27
N GLY A 144 -7.20 7.55 9.32
CA GLY A 144 -5.79 7.65 9.70
C GLY A 144 -4.85 8.10 8.61
N GLY A 145 -5.33 8.25 7.39
CA GLY A 145 -4.50 8.65 6.25
C GLY A 145 -3.46 7.63 5.82
N ASP A 146 -2.49 8.07 5.03
CA ASP A 146 -1.51 7.12 4.47
C ASP A 146 -0.46 6.76 5.51
N LEU A 147 0.07 5.55 5.37
CA LEU A 147 0.98 4.96 6.33
C LEU A 147 2.31 5.71 6.43
N LYS A 148 2.85 6.19 5.31
CA LYS A 148 4.12 6.92 5.34
C LYS A 148 3.97 8.19 6.19
N SER A 149 2.91 8.97 5.91
CA SER A 149 2.66 10.21 6.65
C SER A 149 2.42 9.95 8.13
N PHE A 150 1.68 8.89 8.43
CA PHE A 150 1.39 8.49 9.79
C PHE A 150 2.68 8.19 10.56
N LEU A 151 3.55 7.40 9.94
CA LEU A 151 4.80 7.02 10.60
C LEU A 151 5.66 8.26 10.90
N ARG A 152 5.76 9.16 9.92
CA ARG A 152 6.56 10.39 10.09
C ARG A 152 5.97 11.29 11.17
N GLU A 153 4.65 11.41 11.18
CA GLU A 153 3.97 12.33 12.11
C GLU A 153 3.81 11.77 13.52
N THR A 154 3.89 10.45 13.68
CA THR A 154 3.64 9.77 14.97
C THR A 154 4.91 9.15 15.56
N ARG A 155 6.07 9.55 15.03
CA ARG A 155 7.36 9.21 15.60
C ARG A 155 7.40 9.60 17.08
N PRO A 156 7.95 8.72 17.93
CA PRO A 156 8.17 9.12 19.32
C PRO A 156 9.01 10.38 19.39
N ARG A 157 8.58 11.32 20.22
CA ARG A 157 9.25 12.60 20.45
C ARG A 157 9.03 12.97 21.92
N PRO A 158 9.84 13.90 22.47
CA PRO A 158 9.66 14.33 23.86
C PRO A 158 8.22 14.72 24.26
N SER A 159 7.49 15.38 23.37
CA SER A 159 6.09 15.73 23.61
C SER A 159 5.14 14.51 23.58
N GLN A 160 5.46 13.53 22.72
CA GLN A 160 4.68 12.29 22.60
C GLN A 160 5.62 11.09 22.73
N PRO A 161 6.11 10.83 23.95
CA PRO A 161 7.26 9.93 24.18
C PRO A 161 7.03 8.45 23.84
N SER A 162 5.79 7.97 24.01
CA SER A 162 5.42 6.60 23.67
C SER A 162 4.23 6.60 22.71
N SER A 163 4.39 7.33 21.61
CA SER A 163 3.34 7.45 20.59
C SER A 163 3.15 6.13 19.83
N LEU A 164 4.26 5.41 19.62
CA LEU A 164 4.25 4.08 18.99
C LEU A 164 5.23 3.14 19.71
N ALA A 165 4.91 1.85 19.69
CA ALA A 165 5.80 0.79 20.17
C ALA A 165 6.01 -0.23 19.05
N MET A 166 6.93 -1.17 19.26
CA MET A 166 7.20 -2.21 18.25
C MET A 166 5.95 -2.98 17.86
N LEU A 167 5.06 -3.26 18.82
CA LEU A 167 3.85 -4.04 18.51
C LEU A 167 2.94 -3.29 17.53
N ASP A 168 2.85 -1.96 17.65
CA ASP A 168 2.10 -1.16 16.67
C ASP A 168 2.62 -1.40 15.26
N LEU A 169 3.93 -1.44 15.13
CA LEU A 169 4.59 -1.63 13.83
C LEU A 169 4.40 -3.06 13.31
N LEU A 170 4.53 -4.04 14.19
CA LEU A 170 4.31 -5.43 13.79
C LEU A 170 2.85 -5.66 13.36
N HIS A 171 1.91 -4.99 14.02
CA HIS A 171 0.50 -5.10 13.63
C HIS A 171 0.25 -4.54 12.25
N VAL A 172 0.85 -3.39 11.94
CA VAL A 172 0.76 -2.81 10.59
C VAL A 172 1.35 -3.78 9.57
N ALA A 173 2.52 -4.33 9.87
CA ALA A 173 3.18 -5.28 8.95
C ALA A 173 2.33 -6.54 8.69
N ARG A 174 1.82 -7.13 9.77
CA ARG A 174 0.89 -8.26 9.66
C ARG A 174 -0.32 -7.90 8.80
N ASP A 175 -0.92 -6.72 9.05
CA ASP A 175 -2.13 -6.29 8.29
C ASP A 175 -1.83 -6.28 6.79
N ILE A 176 -0.74 -5.64 6.39
CA ILE A 176 -0.41 -5.55 4.97
C ILE A 176 -0.01 -6.91 4.39
N ALA A 177 0.77 -7.69 5.16
CA ALA A 177 1.11 -9.05 4.73
C ALA A 177 -0.13 -9.92 4.49
N CYS A 178 -1.17 -9.72 5.30
CA CYS A 178 -2.43 -10.44 5.15
C CYS A 178 -3.13 -10.05 3.83
N GLY A 179 -3.16 -8.77 3.51
CA GLY A 179 -3.69 -8.29 2.24
C GLY A 179 -2.86 -8.82 1.07
N CYS A 180 -1.53 -8.78 1.21
CA CYS A 180 -0.64 -9.35 0.18
C CYS A 180 -0.84 -10.85 -0.03
N GLN A 181 -1.07 -11.59 1.05
CA GLN A 181 -1.32 -13.02 0.96
C GLN A 181 -2.60 -13.27 0.18
N TYR A 182 -3.62 -12.45 0.43
CA TYR A 182 -4.87 -12.52 -0.35
C TYR A 182 -4.65 -12.30 -1.84
N LEU A 183 -3.85 -11.28 -2.18
CA LEU A 183 -3.52 -11.01 -3.57
C LEU A 183 -2.74 -12.18 -4.19
N GLU A 184 -1.76 -12.69 -3.45
CA GLU A 184 -0.96 -13.82 -3.94
C GLU A 184 -1.83 -15.06 -4.19
N GLU A 185 -2.69 -15.37 -3.23
CA GLU A 185 -3.60 -16.53 -3.35
C GLU A 185 -4.53 -16.42 -4.58
N ASN A 186 -4.84 -15.17 -4.97
CA ASN A 186 -5.71 -14.89 -6.11
C ASN A 186 -4.96 -14.48 -7.35
N HIS A 187 -3.65 -14.70 -7.35
CA HIS A 187 -2.77 -14.51 -8.49
C HIS A 187 -2.75 -13.11 -9.02
N PHE A 188 -2.87 -12.14 -8.12
CA PHE A 188 -2.81 -10.70 -8.49
C PHE A 188 -1.46 -10.14 -8.03
N ILE A 189 -0.73 -9.55 -8.95
CA ILE A 189 0.57 -8.95 -8.66
C ILE A 189 0.44 -7.44 -8.51
N HIS A 190 0.72 -6.92 -7.32
CA HIS A 190 0.50 -5.51 -7.05
C HIS A 190 1.44 -4.59 -7.78
N ARG A 191 2.73 -4.89 -7.71
CA ARG A 191 3.81 -4.13 -8.39
C ARG A 191 4.24 -2.81 -7.74
N ASP A 192 3.61 -2.39 -6.66
CA ASP A 192 4.03 -1.16 -6.00
C ASP A 192 3.65 -1.18 -4.53
N ILE A 193 4.03 -2.24 -3.83
CA ILE A 193 3.80 -2.36 -2.40
C ILE A 193 4.78 -1.43 -1.65
N ALA A 194 4.25 -0.32 -1.13
CA ALA A 194 5.03 0.75 -0.56
C ALA A 194 4.16 1.48 0.46
N ALA A 195 4.79 2.13 1.44
CA ALA A 195 4.06 2.74 2.54
C ALA A 195 3.06 3.79 2.06
N ARG A 196 3.44 4.58 1.04
CA ARG A 196 2.58 5.64 0.47
C ARG A 196 1.25 5.09 -0.06
N ASN A 197 1.22 3.79 -0.37
CA ASN A 197 0.03 3.16 -0.96
C ASN A 197 -0.82 2.39 0.06
N CYS A 198 -0.43 2.44 1.33
CA CYS A 198 -1.15 1.80 2.43
C CYS A 198 -1.82 2.89 3.27
N LEU A 199 -2.97 2.57 3.82
CA LEU A 199 -3.79 3.52 4.57
C LEU A 199 -4.16 2.94 5.95
N LEU A 200 -4.51 3.82 6.89
CA LEU A 200 -4.95 3.40 8.23
C LEU A 200 -6.39 3.80 8.52
N THR A 201 -7.13 2.90 9.19
CA THR A 201 -8.56 3.15 9.50
C THR A 201 -8.74 4.37 10.39
N CYS A 202 -7.81 4.56 11.32
CA CYS A 202 -7.87 5.65 12.28
C CYS A 202 -6.44 5.90 12.80
N PRO A 203 -6.20 7.06 13.43
CA PRO A 203 -4.85 7.32 13.95
C PRO A 203 -4.58 6.59 15.27
N GLY A 204 -5.63 6.33 16.04
CA GLY A 204 -5.46 5.80 17.39
C GLY A 204 -5.23 4.31 17.49
N PRO A 205 -5.20 3.79 18.73
CA PRO A 205 -5.09 2.34 18.95
C PRO A 205 -6.24 1.60 18.26
N GLY A 206 -5.96 0.38 17.81
CA GLY A 206 -6.94 -0.40 17.04
C GLY A 206 -6.98 -0.04 15.56
N ARG A 207 -6.08 0.85 15.11
CA ARG A 207 -5.94 1.11 13.68
C ARG A 207 -5.72 -0.19 12.93
N VAL A 208 -6.26 -0.27 11.72
CA VAL A 208 -6.01 -1.38 10.80
C VAL A 208 -5.41 -0.80 9.52
N ALA A 209 -4.33 -1.41 9.05
CA ALA A 209 -3.67 -0.99 7.84
C ALA A 209 -4.21 -1.79 6.66
N LYS A 210 -4.42 -1.11 5.54
CA LYS A 210 -4.97 -1.72 4.32
C LYS A 210 -4.23 -1.20 3.11
N ILE A 211 -4.22 -2.01 2.05
CA ILE A 211 -3.70 -1.57 0.76
C ILE A 211 -4.78 -0.73 0.09
N GLY A 212 -4.41 0.48 -0.33
CA GLY A 212 -5.39 1.48 -0.80
C GLY A 212 -5.23 2.05 -2.20
N ASP A 213 -4.12 1.75 -2.87
CA ASP A 213 -3.86 2.24 -4.23
C ASP A 213 -3.41 1.07 -5.09
N PHE A 214 -3.96 0.96 -6.30
CA PHE A 214 -3.64 -0.09 -7.27
C PHE A 214 -3.32 0.54 -8.65
N GLY A 215 -2.66 1.69 -8.64
CA GLY A 215 -2.39 2.44 -9.87
C GLY A 215 -1.38 1.79 -10.79
N MET A 216 -0.34 1.19 -10.21
CA MET A 216 0.71 0.53 -10.97
C MET A 216 0.18 -0.70 -11.69
N ALA A 217 -0.57 -1.53 -10.96
CA ALA A 217 -1.23 -2.70 -11.54
C ALA A 217 -2.20 -2.25 -12.64
N ARG A 218 -2.89 -1.14 -12.41
CA ARG A 218 -3.84 -0.61 -13.39
C ARG A 218 -3.14 -0.24 -14.70
N ASP A 219 -2.02 0.47 -14.60
CA ASP A 219 -1.27 0.90 -15.80
C ASP A 219 -0.80 -0.30 -16.62
N ILE A 220 -0.34 -1.36 -15.95
CA ILE A 220 0.18 -2.56 -16.63
C ILE A 220 -0.93 -3.42 -17.23
N TYR A 221 -2.10 -3.46 -16.56
CA TYR A 221 -3.26 -4.18 -17.10
C TYR A 221 -3.69 -3.60 -18.46
N ARG A 222 -3.44 -2.32 -18.67
CA ARG A 222 -3.75 -1.66 -19.95
C ARG A 222 -2.64 -0.70 -20.36
N CYS A 231 12.72 4.97 -16.70
CA CYS A 231 11.60 5.88 -16.43
C CYS A 231 11.64 6.41 -14.99
N ALA A 232 11.70 7.74 -14.87
CA ALA A 232 11.82 8.40 -13.56
C ALA A 232 10.58 8.27 -12.65
N MET A 233 9.52 7.62 -13.15
CA MET A 233 8.32 7.38 -12.35
C MET A 233 8.14 5.93 -11.86
N LEU A 234 8.91 4.98 -12.39
CA LEU A 234 8.88 3.61 -11.87
C LEU A 234 9.33 3.61 -10.41
N PRO A 235 8.74 2.73 -9.58
CA PRO A 235 9.15 2.74 -8.18
C PRO A 235 10.41 1.89 -7.96
N VAL A 236 11.52 2.38 -8.52
CA VAL A 236 12.80 1.66 -8.58
C VAL A 236 13.25 1.14 -7.23
N LYS A 237 13.03 1.93 -6.18
CA LYS A 237 13.52 1.57 -4.85
C LYS A 237 12.74 0.43 -4.20
N TRP A 238 11.61 0.04 -4.80
CA TRP A 238 10.79 -1.07 -4.32
C TRP A 238 10.88 -2.31 -5.18
N MET A 239 11.72 -2.30 -6.23
CA MET A 239 11.72 -3.38 -7.25
C MET A 239 12.90 -4.33 -7.12
N PRO A 240 12.66 -5.64 -7.33
CA PRO A 240 13.76 -6.61 -7.34
C PRO A 240 14.57 -6.55 -8.64
N PRO A 241 15.79 -7.12 -8.62
CA PRO A 241 16.69 -7.06 -9.80
C PRO A 241 16.08 -7.55 -11.11
N GLU A 242 15.27 -8.61 -11.08
CA GLU A 242 14.68 -9.15 -12.30
C GLU A 242 13.57 -8.28 -12.89
N ALA A 243 12.98 -7.42 -12.06
CA ALA A 243 11.85 -6.61 -12.48
C ALA A 243 12.31 -5.42 -13.31
N PHE A 244 13.37 -4.74 -12.85
CA PHE A 244 13.83 -3.56 -13.58
C PHE A 244 14.82 -3.92 -14.70
N MET A 245 15.17 -5.20 -14.82
CA MET A 245 16.08 -5.67 -15.89
C MET A 245 15.31 -6.30 -17.05
N GLU A 246 14.59 -7.39 -16.75
CA GLU A 246 13.87 -8.17 -17.76
C GLU A 246 12.40 -7.78 -17.84
N GLY A 247 11.93 -6.94 -16.92
CA GLY A 247 10.50 -6.64 -16.85
C GLY A 247 9.69 -7.85 -16.45
N ILE A 248 10.31 -8.78 -15.73
CA ILE A 248 9.64 -9.99 -15.27
C ILE A 248 9.00 -9.73 -13.91
N PHE A 249 7.69 -9.94 -13.84
CA PHE A 249 6.91 -9.77 -12.61
C PHE A 249 6.20 -11.07 -12.20
N THR A 250 6.26 -11.39 -10.92
CA THR A 250 5.58 -12.55 -10.31
C THR A 250 5.17 -12.15 -8.88
N SER A 251 4.60 -13.04 -8.09
CA SER A 251 4.28 -12.69 -6.70
C SER A 251 5.55 -12.51 -5.85
N LYS A 252 6.64 -13.12 -6.29
CA LYS A 252 7.91 -12.91 -5.63
C LYS A 252 8.44 -11.50 -5.88
N THR A 253 7.87 -10.78 -6.86
CA THR A 253 8.12 -9.34 -6.99
C THR A 253 7.54 -8.61 -5.78
N ASP A 254 6.30 -8.92 -5.43
CA ASP A 254 5.67 -8.28 -4.26
C ASP A 254 6.37 -8.65 -2.94
N THR A 255 6.87 -9.89 -2.81
CA THR A 255 7.71 -10.25 -1.64
C THR A 255 8.86 -9.27 -1.46
N TRP A 256 9.62 -9.01 -2.52
CA TRP A 256 10.71 -8.06 -2.44
C TRP A 256 10.25 -6.70 -1.98
N SER A 257 9.23 -6.18 -2.63
CA SER A 257 8.66 -4.87 -2.26
C SER A 257 8.21 -4.84 -0.81
N PHE A 258 7.60 -5.93 -0.35
CA PHE A 258 7.16 -5.99 1.05
C PHE A 258 8.33 -5.86 2.01
N GLY A 259 9.48 -6.44 1.66
CA GLY A 259 10.69 -6.24 2.45
C GLY A 259 11.05 -4.77 2.58
N VAL A 260 10.97 -4.03 1.47
CA VAL A 260 11.24 -2.59 1.49
C VAL A 260 10.20 -1.85 2.36
N LEU A 261 8.92 -2.22 2.24
CA LEU A 261 7.86 -1.68 3.11
C LEU A 261 8.18 -1.91 4.59
N LEU A 262 8.64 -3.12 4.92
CA LEU A 262 9.00 -3.44 6.30
C LEU A 262 10.08 -2.48 6.79
N TRP A 263 11.07 -2.21 5.95
CA TRP A 263 12.08 -1.21 6.27
C TRP A 263 11.46 0.16 6.51
N GLU A 264 10.55 0.59 5.63
CA GLU A 264 9.85 1.87 5.80
C GLU A 264 9.14 1.91 7.14
N ILE A 265 8.47 0.82 7.49
CA ILE A 265 7.73 0.75 8.77
C ILE A 265 8.70 0.89 9.95
N PHE A 266 9.73 0.06 9.99
CA PHE A 266 10.59 0.01 11.17
C PHE A 266 11.56 1.17 11.29
N SER A 267 11.74 1.90 10.18
CA SER A 267 12.45 3.19 10.16
C SER A 267 11.56 4.37 10.57
N LEU A 268 10.27 4.13 10.75
CA LEU A 268 9.27 5.17 11.03
C LEU A 268 9.18 6.19 9.87
N GLY A 269 9.15 5.67 8.65
CA GLY A 269 8.77 6.48 7.51
C GLY A 269 9.87 7.16 6.72
N TYR A 270 11.12 6.70 6.84
CA TYR A 270 12.22 7.22 6.04
C TYR A 270 12.10 6.73 4.60
N MET A 271 12.65 7.51 3.67
CA MET A 271 12.80 7.08 2.29
C MET A 271 13.84 5.97 2.23
N PRO A 272 13.54 4.85 1.56
CA PRO A 272 14.51 3.78 1.40
C PRO A 272 15.82 4.20 0.73
N TYR A 273 16.87 3.45 1.03
CA TYR A 273 18.24 3.71 0.52
C TYR A 273 18.63 5.16 0.73
N PRO A 274 18.78 5.56 2.01
CA PRO A 274 19.15 6.94 2.35
C PRO A 274 20.30 7.47 1.50
N SER A 275 20.08 8.62 0.88
CA SER A 275 21.10 9.35 0.10
C SER A 275 21.41 8.81 -1.29
N LYS A 276 20.70 7.76 -1.71
CA LYS A 276 20.94 7.18 -3.03
C LYS A 276 19.82 7.56 -4.00
N SER A 277 20.23 7.89 -5.22
CA SER A 277 19.32 8.12 -6.33
C SER A 277 18.80 6.81 -6.88
N ASN A 278 17.84 6.91 -7.80
CA ASN A 278 17.27 5.73 -8.44
C ASN A 278 18.31 4.85 -9.15
N GLN A 279 19.17 5.46 -9.96
CA GLN A 279 20.19 4.69 -10.70
C GLN A 279 21.21 4.09 -9.73
N GLU A 280 21.57 4.84 -8.70
CA GLU A 280 22.49 4.33 -7.67
C GLU A 280 21.88 3.11 -6.96
N VAL A 281 20.57 3.16 -6.70
CA VAL A 281 19.89 2.01 -6.10
C VAL A 281 19.88 0.82 -7.05
N LEU A 282 19.54 1.06 -8.31
CA LEU A 282 19.52 0.01 -9.33
C LEU A 282 20.85 -0.74 -9.36
N GLU A 283 21.95 0.02 -9.40
CA GLU A 283 23.30 -0.58 -9.46
C GLU A 283 23.67 -1.28 -8.17
N PHE A 284 23.31 -0.67 -7.04
CA PHE A 284 23.57 -1.20 -5.72
C PHE A 284 22.86 -2.54 -5.53
N VAL A 285 21.55 -2.58 -5.76
CA VAL A 285 20.78 -3.81 -5.57
C VAL A 285 21.20 -4.93 -6.52
N THR A 286 21.44 -4.58 -7.78
CA THR A 286 21.85 -5.53 -8.79
C THR A 286 23.18 -6.17 -8.44
N SER A 287 24.06 -5.41 -7.79
CA SER A 287 25.36 -5.92 -7.36
C SER A 287 25.35 -6.65 -6.01
N GLY A 288 24.17 -6.83 -5.41
CA GLY A 288 24.06 -7.54 -4.14
C GLY A 288 23.89 -6.65 -2.93
N GLY A 289 23.86 -5.33 -3.14
CA GLY A 289 23.73 -4.37 -2.05
C GLY A 289 22.37 -4.40 -1.39
N ARG A 290 22.34 -4.29 -0.07
CA ARG A 290 21.08 -4.26 0.69
C ARG A 290 21.11 -3.18 1.77
N MET A 291 19.94 -2.70 2.17
CA MET A 291 19.89 -1.71 3.23
C MET A 291 20.33 -2.29 4.58
N ASP A 292 20.89 -1.41 5.42
CA ASP A 292 21.20 -1.71 6.80
C ASP A 292 19.90 -1.79 7.60
N PRO A 293 19.96 -2.38 8.79
CA PRO A 293 18.75 -2.33 9.62
C PRO A 293 18.36 -0.90 9.99
N PRO A 294 17.05 -0.61 10.07
CA PRO A 294 16.65 0.66 10.63
C PRO A 294 17.11 0.83 12.08
N LYS A 295 17.20 2.06 12.55
CA LYS A 295 17.63 2.36 13.92
C LYS A 295 16.81 1.56 14.95
N ASN A 296 17.51 0.81 15.80
CA ASN A 296 16.89 -0.02 16.84
C ASN A 296 16.11 -1.24 16.36
N CYS A 297 16.22 -1.59 15.08
CA CYS A 297 15.41 -2.67 14.54
C CYS A 297 15.85 -4.00 15.16
N PRO A 298 14.91 -4.76 15.76
CA PRO A 298 15.30 -6.09 16.23
C PRO A 298 15.82 -7.02 15.14
N GLY A 299 16.81 -7.83 15.49
CA GLY A 299 17.37 -8.80 14.57
C GLY A 299 16.37 -9.68 13.83
N PRO A 300 15.41 -10.29 14.56
CA PRO A 300 14.41 -11.15 13.91
C PRO A 300 13.61 -10.42 12.84
N VAL A 301 13.35 -9.14 13.04
CA VAL A 301 12.60 -8.33 12.08
C VAL A 301 13.46 -8.04 10.85
N TYR A 302 14.71 -7.65 11.08
CA TYR A 302 15.65 -7.43 9.96
C TYR A 302 15.84 -8.67 9.12
N ARG A 303 15.84 -9.84 9.76
CA ARG A 303 16.02 -11.09 9.03
C ARG A 303 14.86 -11.38 8.08
N ILE A 304 13.66 -10.91 8.40
CA ILE A 304 12.55 -11.02 7.46
C ILE A 304 12.84 -10.18 6.21
N MET A 305 13.30 -8.96 6.41
CA MET A 305 13.68 -8.07 5.30
C MET A 305 14.72 -8.75 4.40
N THR A 306 15.78 -9.27 4.99
CA THR A 306 16.86 -9.81 4.16
C THR A 306 16.44 -11.09 3.42
N GLN A 307 15.46 -11.83 3.97
CA GLN A 307 14.90 -12.98 3.27
C GLN A 307 14.01 -12.55 2.10
N CYS A 308 13.22 -11.50 2.30
CA CYS A 308 12.46 -10.86 1.22
C CYS A 308 13.35 -10.37 0.09
N TRP A 309 14.58 -9.97 0.41
CA TRP A 309 15.52 -9.44 -0.58
C TRP A 309 16.51 -10.46 -1.13
N GLN A 310 16.18 -11.75 -1.10
CA GLN A 310 17.09 -12.72 -1.74
C GLN A 310 17.17 -12.42 -3.25
N HIS A 311 18.36 -12.53 -3.81
CA HIS A 311 18.55 -12.26 -5.24
C HIS A 311 17.65 -13.08 -6.13
N GLN A 312 17.57 -14.39 -5.88
CA GLN A 312 16.74 -15.26 -6.70
C GLN A 312 15.30 -15.32 -6.15
N PRO A 313 14.29 -15.10 -7.02
CA PRO A 313 12.89 -15.09 -6.55
C PRO A 313 12.48 -16.39 -5.85
N GLU A 314 12.99 -17.51 -6.33
CA GLU A 314 12.70 -18.83 -5.74
C GLU A 314 13.14 -18.93 -4.28
N ASP A 315 14.13 -18.13 -3.87
CA ASP A 315 14.65 -18.17 -2.51
C ASP A 315 13.91 -17.21 -1.55
N ARG A 316 13.04 -16.37 -2.09
CA ARG A 316 12.23 -15.45 -1.27
C ARG A 316 11.03 -16.20 -0.70
N PRO A 317 10.60 -15.85 0.53
CA PRO A 317 9.42 -16.49 1.09
C PRO A 317 8.13 -16.03 0.45
N ASN A 318 7.16 -16.93 0.35
CA ASN A 318 5.78 -16.51 0.03
C ASN A 318 5.13 -15.81 1.26
N PHE A 319 3.93 -15.30 1.09
CA PHE A 319 3.34 -14.51 2.19
C PHE A 319 2.84 -15.31 3.39
N ALA A 320 2.52 -16.58 3.19
CA ALA A 320 2.22 -17.45 4.33
C ALA A 320 3.41 -17.54 5.27
N ILE A 321 4.61 -17.69 4.71
CA ILE A 321 5.82 -17.77 5.51
C ILE A 321 6.15 -16.41 6.14
N ILE A 322 6.00 -15.33 5.38
CA ILE A 322 6.19 -13.99 5.96
C ILE A 322 5.27 -13.77 7.17
N LEU A 323 4.00 -14.14 7.05
CA LEU A 323 3.07 -13.98 8.17
C LEU A 323 3.49 -14.82 9.38
N GLU A 324 3.93 -16.06 9.14
CA GLU A 324 4.43 -16.92 10.22
C GLU A 324 5.58 -16.24 10.96
N ARG A 325 6.48 -15.64 10.20
CA ARG A 325 7.66 -15.00 10.78
C ARG A 325 7.26 -13.74 11.52
N ILE A 326 6.34 -12.97 10.97
CA ILE A 326 5.86 -11.77 11.66
C ILE A 326 5.19 -12.16 13.01
N GLU A 327 4.40 -13.23 13.00
CA GLU A 327 3.76 -13.74 14.23
C GLU A 327 4.81 -14.13 15.28
N TYR A 328 5.84 -14.86 14.86
CA TYR A 328 6.89 -15.23 15.79
C TYR A 328 7.53 -13.98 16.43
N CYS A 329 7.84 -12.98 15.61
CA CYS A 329 8.39 -11.73 16.12
C CYS A 329 7.44 -11.11 17.13
N THR A 330 6.13 -11.20 16.85
CA THR A 330 5.10 -10.54 17.66
C THR A 330 4.99 -11.17 19.03
N GLN A 331 5.29 -12.45 19.14
CA GLN A 331 5.17 -13.15 20.42
C GLN A 331 6.48 -13.12 21.23
N ASP A 332 7.60 -12.78 20.59
CA ASP A 332 8.94 -12.75 21.22
C ASP A 332 9.14 -11.51 22.11
N PRO A 333 9.20 -11.68 23.43
CA PRO A 333 9.37 -10.51 24.29
C PRO A 333 10.59 -9.63 23.98
N ASP A 334 11.70 -10.23 23.59
CA ASP A 334 12.93 -9.48 23.27
C ASP A 334 12.71 -8.56 22.06
N VAL A 335 11.82 -8.96 21.16
CA VAL A 335 11.48 -8.09 20.03
C VAL A 335 10.57 -6.96 20.48
N ILE A 336 9.41 -7.30 21.05
CA ILE A 336 8.38 -6.30 21.32
C ILE A 336 8.72 -5.36 22.49
N ASN A 337 9.67 -5.75 23.34
CA ASN A 337 10.12 -4.88 24.43
C ASN A 337 11.22 -3.91 24.01
N THR A 338 11.65 -3.95 22.75
CA THR A 338 12.67 -3.03 22.24
C THR A 338 12.08 -1.63 22.06
N ALA A 339 12.71 -0.61 22.67
CA ALA A 339 12.19 0.76 22.54
C ALA A 339 12.57 1.34 21.19
N LEU A 340 11.62 2.05 20.59
CA LEU A 340 11.88 2.79 19.37
C LEU A 340 12.67 4.05 19.70
N PRO A 341 13.45 4.54 18.72
CA PRO A 341 14.21 5.78 18.93
C PRO A 341 13.28 6.98 19.11
N ILE A 342 13.74 7.95 19.92
CA ILE A 342 13.04 9.20 20.13
C ILE A 342 13.66 10.23 19.23
N GLU A 343 12.82 10.86 18.41
CA GLU A 343 13.25 11.92 17.53
C GLU A 343 13.25 13.19 18.36
N TYR A 344 14.35 13.94 18.32
CA TYR A 344 14.49 15.09 19.20
C TYR A 344 13.58 16.22 18.73
N GLY A 345 12.91 16.86 19.69
CA GLY A 345 11.98 17.96 19.39
C GLY A 345 11.60 18.76 20.62
#